data_6SI5
#
_entry.id   6SI5
#
_cell.length_a   58.061
_cell.length_b   58.061
_cell.length_c   396.793
_cell.angle_alpha   90.000
_cell.angle_beta   90.000
_cell.angle_gamma   120.000
#
_symmetry.space_group_name_H-M   'P 61 2 2'
#
loop_
_entity.id
_entity.type
_entity.pdbx_description
1 polymer 'Farnesyl diphosphate synthase'
2 non-polymer 5-(6,7-dihydro-4~{H}-thieno[3,2-c]pyridin-5-ylcarbonyl)-1-methyl-pyridin-2-one
3 non-polymer 'SULFATE ION'
4 water water
#
_entity_poly.entity_id   1
_entity_poly.type   'polypeptide(L)'
_entity_poly.pdbx_seq_one_letter_code
;GPMASMERFLSVYDEVQAFLLDQLQSKYEIDPNRARYLRIMMDTTCLGGKYFRGMTVVNVAEGFLAVTQHDEATKERILH
DACVGGWMIEFLQAHYLVEDDIMDGSVMRRGKPCWYRFPGVTTQCAINDGIILKSWTQIMAWHYFADRPFLKDLLCLFQK
VDYATAVGQMYDVTSMCDSNKLDPEVAQPMTTDFAEFTPAIYKRIVKYKTTFYTYLLPLVMGLLVSEAAASVEMNLVERV
AHLIGEYFQVQDDVMDCFTPPEQLGKVGTDIEDAKCSWLAVTFLGKANAAQVAEFKANYGEKDPAKVAVVKRLYSKANLQ
ADFAAYEAEVVREVESLIEQLKVKSPTFAESVAVVWEKTHKRKK
;
_entity_poly.pdbx_strand_id   A
#
loop_
_chem_comp.id
_chem_comp.type
_chem_comp.name
_chem_comp.formula
LEQ non-polymer 5-(6,7-dihydro-4~{H}-thieno[3,2-c]pyridin-5-ylcarbonyl)-1-methyl-pyridin-2-one 'C14 H14 N2 O2 S'
SO4 non-polymer 'SULFATE ION' 'O4 S -2'
#
# COMPACT_ATOMS: atom_id res chain seq x y z
N ALA A 4 -15.78 16.02 -9.77
CA ALA A 4 -14.79 16.92 -10.35
C ALA A 4 -13.36 16.55 -9.99
N SER A 5 -13.09 16.19 -8.71
CA SER A 5 -11.77 15.82 -8.22
C SER A 5 -11.21 14.57 -8.93
N MET A 6 -12.04 13.52 -9.09
CA MET A 6 -11.68 12.28 -9.77
C MET A 6 -11.41 12.57 -11.23
N GLU A 7 -12.26 13.38 -11.82
CA GLU A 7 -12.24 13.82 -13.20
C GLU A 7 -10.92 14.59 -13.47
N ARG A 8 -10.55 15.49 -12.57
CA ARG A 8 -9.29 16.25 -12.63
C ARG A 8 -8.10 15.30 -12.46
N PHE A 9 -8.19 14.36 -11.49
CA PHE A 9 -7.16 13.36 -11.23
C PHE A 9 -6.87 12.49 -12.45
N LEU A 10 -7.94 11.96 -13.08
CA LEU A 10 -7.80 11.13 -14.28
C LEU A 10 -7.28 11.93 -15.48
N SER A 11 -7.65 13.23 -15.60
CA SER A 11 -7.15 14.10 -16.66
C SER A 11 -5.64 14.28 -16.56
N VAL A 12 -5.12 14.39 -15.34
CA VAL A 12 -3.69 14.58 -15.12
C VAL A 12 -2.90 13.31 -15.50
N TYR A 13 -3.53 12.13 -15.41
CA TYR A 13 -2.85 10.90 -15.83
C TYR A 13 -2.48 10.99 -17.31
N ASP A 14 -3.42 11.47 -18.14
CA ASP A 14 -3.21 11.64 -19.59
C ASP A 14 -2.03 12.58 -19.87
N GLU A 15 -1.96 13.70 -19.13
N GLU A 15 -1.96 13.71 -19.11
CA GLU A 15 -0.90 14.67 -19.29
CA GLU A 15 -0.91 14.73 -19.19
C GLU A 15 0.46 14.09 -18.84
C GLU A 15 0.45 14.11 -18.82
N VAL A 16 0.49 13.38 -17.69
CA VAL A 16 1.70 12.74 -17.17
C VAL A 16 2.19 11.65 -18.17
N GLN A 17 1.29 10.79 -18.64
CA GLN A 17 1.64 9.76 -19.62
C GLN A 17 2.23 10.39 -20.88
N ALA A 18 1.56 11.44 -21.44
CA ALA A 18 2.07 12.09 -22.65
C ALA A 18 3.46 12.70 -22.39
N PHE A 19 3.70 13.31 -21.22
CA PHE A 19 4.99 13.91 -20.88
C PHE A 19 6.09 12.81 -20.84
N LEU A 20 5.81 11.69 -20.14
CA LEU A 20 6.76 10.59 -19.99
C LEU A 20 7.13 9.97 -21.32
N LEU A 21 6.12 9.68 -22.16
CA LEU A 21 6.33 9.05 -23.48
C LEU A 21 7.01 9.97 -24.47
N ASP A 22 6.63 11.26 -24.48
CA ASP A 22 7.26 12.23 -25.38
C ASP A 22 8.75 12.48 -25.01
N GLN A 23 9.08 12.48 -23.71
CA GLN A 23 10.45 12.64 -23.22
C GLN A 23 11.30 11.43 -23.68
N LEU A 24 10.72 10.21 -23.66
CA LEU A 24 11.42 9.01 -24.13
C LEU A 24 11.80 9.14 -25.58
N GLN A 25 10.91 9.72 -26.39
CA GLN A 25 11.13 9.94 -27.81
C GLN A 25 12.21 11.02 -28.09
N SER A 26 12.12 12.18 -27.43
CA SER A 26 13.03 13.29 -27.68
C SER A 26 14.36 13.23 -26.91
N LYS A 27 14.44 12.45 -25.82
CA LYS A 27 15.69 12.43 -25.07
C LYS A 27 16.33 11.06 -24.93
N TYR A 28 15.55 9.96 -25.14
CA TYR A 28 16.06 8.61 -24.89
C TYR A 28 16.07 7.72 -26.13
N GLU A 29 15.92 8.32 -27.33
CA GLU A 29 15.97 7.67 -28.65
C GLU A 29 14.97 6.52 -28.80
N ILE A 30 13.83 6.58 -28.07
CA ILE A 30 12.82 5.52 -28.18
C ILE A 30 12.18 5.50 -29.56
N ASP A 31 11.82 4.29 -30.02
CA ASP A 31 11.12 4.07 -31.28
C ASP A 31 9.61 3.97 -30.93
N PRO A 32 8.67 4.16 -31.89
CA PRO A 32 7.24 4.16 -31.53
C PRO A 32 6.67 2.86 -30.97
N ASN A 33 7.26 1.71 -31.31
CA ASN A 33 6.80 0.40 -30.82
C ASN A 33 7.11 0.18 -29.35
N ARG A 34 8.29 0.65 -28.94
CA ARG A 34 8.74 0.56 -27.55
C ARG A 34 7.96 1.53 -26.67
N ALA A 35 7.60 2.70 -27.22
CA ALA A 35 6.76 3.70 -26.58
C ALA A 35 5.35 3.14 -26.37
N ARG A 36 4.81 2.41 -27.36
CA ARG A 36 3.50 1.72 -27.29
C ARG A 36 3.52 0.62 -26.21
N TYR A 37 4.61 -0.20 -26.19
CA TYR A 37 4.78 -1.23 -25.16
C TYR A 37 4.74 -0.56 -23.75
N LEU A 38 5.50 0.53 -23.58
CA LEU A 38 5.53 1.22 -22.27
C LEU A 38 4.20 1.90 -21.93
N ARG A 39 3.45 2.40 -22.94
CA ARG A 39 2.11 3.00 -22.77
C ARG A 39 1.13 1.92 -22.24
N ILE A 40 1.13 0.71 -22.85
CA ILE A 40 0.27 -0.41 -22.42
C ILE A 40 0.72 -0.86 -21.02
N MET A 41 2.05 -0.92 -20.78
CA MET A 41 2.58 -1.30 -19.46
C MET A 41 2.03 -0.35 -18.38
N MET A 42 2.11 0.96 -18.64
CA MET A 42 1.65 2.02 -17.72
C MET A 42 0.16 1.90 -17.43
N ASP A 43 -0.68 1.83 -18.46
CA ASP A 43 -2.13 1.66 -18.29
C ASP A 43 -2.51 0.38 -17.54
N THR A 44 -1.85 -0.74 -17.85
CA THR A 44 -2.18 -2.03 -17.24
C THR A 44 -1.79 -2.08 -15.78
N THR A 45 -0.68 -1.44 -15.43
CA THR A 45 -0.19 -1.50 -14.05
C THR A 45 -0.67 -0.38 -13.17
N CYS A 46 -0.97 0.80 -13.74
CA CYS A 46 -1.34 1.97 -12.93
C CYS A 46 -2.83 2.23 -12.82
N LEU A 47 -3.62 1.75 -13.80
CA LEU A 47 -5.05 2.00 -13.82
C LEU A 47 -5.84 0.77 -13.43
N GLY A 48 -7.10 0.96 -13.10
CA GLY A 48 -7.98 -0.16 -12.77
C GLY A 48 -8.40 -0.19 -11.33
N GLY A 49 -7.57 0.37 -10.44
CA GLY A 49 -7.88 0.42 -9.01
C GLY A 49 -8.89 1.49 -8.66
N LYS A 50 -9.06 1.72 -7.36
CA LYS A 50 -10.00 2.74 -6.88
C LYS A 50 -9.33 4.11 -6.66
N TYR A 51 -7.99 4.16 -6.70
CA TYR A 51 -7.19 5.39 -6.55
C TYR A 51 -7.33 6.06 -5.18
N PHE A 52 -7.59 5.30 -4.12
CA PHE A 52 -7.68 5.92 -2.79
C PHE A 52 -6.41 6.64 -2.37
N ARG A 53 -5.22 6.04 -2.64
CA ARG A 53 -3.93 6.63 -2.26
C ARG A 53 -3.68 7.95 -2.95
N GLY A 54 -3.82 7.96 -4.28
CA GLY A 54 -3.65 9.14 -5.10
C GLY A 54 -4.68 10.21 -4.78
N MET A 55 -5.95 9.81 -4.67
CA MET A 55 -7.04 10.74 -4.36
C MET A 55 -6.93 11.38 -2.95
N THR A 56 -6.32 10.69 -1.97
CA THR A 56 -6.16 11.27 -0.63
C THR A 56 -5.32 12.55 -0.71
N VAL A 57 -4.31 12.58 -1.59
CA VAL A 57 -3.48 13.78 -1.80
C VAL A 57 -4.38 14.94 -2.24
N VAL A 58 -5.26 14.67 -3.22
CA VAL A 58 -6.20 15.64 -3.79
C VAL A 58 -7.19 16.11 -2.72
N ASN A 59 -7.77 15.16 -1.97
CA ASN A 59 -8.76 15.48 -0.92
C ASN A 59 -8.15 16.34 0.16
N VAL A 60 -6.90 16.01 0.59
CA VAL A 60 -6.22 16.80 1.62
C VAL A 60 -6.02 18.25 1.11
N ALA A 61 -5.51 18.41 -0.13
CA ALA A 61 -5.26 19.74 -0.73
C ALA A 61 -6.55 20.53 -0.87
N GLU A 62 -7.66 19.89 -1.34
CA GLU A 62 -8.98 20.54 -1.50
C GLU A 62 -9.46 21.06 -0.15
N GLY A 63 -9.28 20.28 0.92
CA GLY A 63 -9.61 20.71 2.28
C GLY A 63 -8.95 22.03 2.64
N PHE A 64 -7.60 22.15 2.39
CA PHE A 64 -6.87 23.39 2.67
C PHE A 64 -7.26 24.54 1.77
N LEU A 65 -7.60 24.26 0.50
CA LEU A 65 -8.03 25.30 -0.45
C LEU A 65 -9.28 26.03 0.01
N ALA A 66 -10.20 25.32 0.67
CA ALA A 66 -11.47 25.87 1.17
C ALA A 66 -11.29 26.87 2.32
N VAL A 67 -10.17 26.76 3.08
CA VAL A 67 -9.95 27.62 4.25
C VAL A 67 -8.75 28.59 4.09
N THR A 68 -8.13 28.67 2.89
CA THR A 68 -6.95 29.51 2.66
C THR A 68 -7.17 30.47 1.50
N GLN A 69 -6.69 31.71 1.62
CA GLN A 69 -6.83 32.72 0.56
C GLN A 69 -5.76 32.51 -0.53
N HIS A 70 -6.19 32.43 -1.79
CA HIS A 70 -5.29 32.22 -2.92
C HIS A 70 -5.90 32.83 -4.16
N ASP A 71 -5.07 33.18 -5.15
CA ASP A 71 -5.55 33.55 -6.47
C ASP A 71 -6.05 32.23 -7.11
N GLU A 72 -6.97 32.32 -8.09
CA GLU A 72 -7.49 31.17 -8.84
C GLU A 72 -6.35 30.37 -9.47
N ALA A 73 -5.37 31.06 -10.10
CA ALA A 73 -4.20 30.39 -10.72
C ALA A 73 -3.40 29.60 -9.67
N THR A 74 -3.33 30.09 -8.41
CA THR A 74 -2.65 29.36 -7.32
C THR A 74 -3.48 28.12 -6.95
N LYS A 75 -4.81 28.26 -6.81
CA LYS A 75 -5.73 27.14 -6.53
C LYS A 75 -5.55 26.05 -7.59
N GLU A 76 -5.56 26.42 -8.89
CA GLU A 76 -5.38 25.46 -9.99
C GLU A 76 -4.02 24.75 -9.93
N ARG A 77 -2.95 25.49 -9.58
CA ARG A 77 -1.57 24.98 -9.50
C ARG A 77 -1.45 23.97 -8.37
N ILE A 78 -2.07 24.28 -7.21
CA ILE A 78 -2.07 23.41 -6.03
C ILE A 78 -2.79 22.10 -6.36
N LEU A 79 -3.98 22.17 -7.00
CA LEU A 79 -4.74 20.99 -7.42
C LEU A 79 -3.96 20.14 -8.39
N HIS A 80 -3.33 20.79 -9.39
CA HIS A 80 -2.50 20.12 -10.38
C HIS A 80 -1.34 19.40 -9.67
N ASP A 81 -0.68 20.09 -8.69
CA ASP A 81 0.41 19.51 -7.85
C ASP A 81 -0.08 18.32 -7.01
N ALA A 82 -1.30 18.41 -6.44
CA ALA A 82 -1.92 17.33 -5.66
C ALA A 82 -2.18 16.10 -6.54
N CYS A 83 -2.60 16.35 -7.81
CA CYS A 83 -2.83 15.29 -8.79
C CYS A 83 -1.55 14.61 -9.21
N VAL A 84 -0.48 15.38 -9.49
CA VAL A 84 0.82 14.81 -9.88
C VAL A 84 1.38 13.99 -8.74
N GLY A 85 1.33 14.55 -7.54
CA GLY A 85 1.77 13.88 -6.32
C GLY A 85 0.96 12.61 -6.08
N GLY A 86 -0.33 12.64 -6.38
CA GLY A 86 -1.18 11.47 -6.22
C GLY A 86 -0.77 10.35 -7.18
N TRP A 87 -0.44 10.72 -8.42
CA TRP A 87 0.02 9.77 -9.44
C TRP A 87 1.40 9.20 -9.12
N MET A 88 2.30 9.97 -8.48
CA MET A 88 3.58 9.41 -8.04
C MET A 88 3.30 8.24 -7.08
N ILE A 89 2.28 8.36 -6.19
CA ILE A 89 1.96 7.29 -5.23
C ILE A 89 1.37 6.07 -5.92
N GLU A 90 0.48 6.30 -6.89
CA GLU A 90 -0.14 5.21 -7.65
C GLU A 90 0.92 4.45 -8.46
N PHE A 91 1.91 5.17 -9.01
CA PHE A 91 2.99 4.56 -9.79
C PHE A 91 3.93 3.79 -8.87
N LEU A 92 4.10 4.29 -7.64
CA LEU A 92 4.92 3.63 -6.63
C LEU A 92 4.23 2.33 -6.21
N GLN A 93 2.91 2.38 -6.06
CA GLN A 93 2.16 1.17 -5.75
C GLN A 93 2.27 0.18 -6.89
N ALA A 94 2.07 0.63 -8.15
CA ALA A 94 2.20 -0.19 -9.36
C ALA A 94 3.54 -0.93 -9.37
N HIS A 95 4.63 -0.21 -9.01
CA HIS A 95 5.98 -0.74 -8.90
C HIS A 95 6.00 -1.92 -7.92
N TYR A 96 5.44 -1.73 -6.71
N TYR A 96 5.40 -1.73 -6.71
CA TYR A 96 5.43 -2.78 -5.71
CA TYR A 96 5.30 -2.78 -5.69
C TYR A 96 4.47 -3.94 -6.06
C TYR A 96 4.50 -3.96 -6.15
N LEU A 97 3.36 -3.71 -6.77
CA LEU A 97 2.47 -4.80 -7.22
C LEU A 97 3.11 -5.65 -8.29
N VAL A 98 3.81 -5.03 -9.26
CA VAL A 98 4.49 -5.76 -10.33
C VAL A 98 5.60 -6.66 -9.73
N GLU A 99 6.44 -6.08 -8.85
CA GLU A 99 7.58 -6.76 -8.24
C GLU A 99 7.15 -7.85 -7.26
N ASP A 100 6.16 -7.56 -6.41
CA ASP A 100 5.64 -8.52 -5.43
C ASP A 100 4.96 -9.67 -6.12
N ASP A 101 4.24 -9.43 -7.23
CA ASP A 101 3.59 -10.53 -7.97
C ASP A 101 4.63 -11.50 -8.52
N ILE A 102 5.78 -11.02 -9.00
CA ILE A 102 6.88 -11.86 -9.50
C ILE A 102 7.51 -12.61 -8.33
N MET A 103 7.80 -11.90 -7.24
CA MET A 103 8.43 -12.49 -6.05
C MET A 103 7.60 -13.61 -5.45
N ASP A 104 6.27 -13.40 -5.31
CA ASP A 104 5.34 -14.34 -4.70
C ASP A 104 4.81 -15.40 -5.66
N GLY A 105 5.08 -15.23 -6.94
CA GLY A 105 4.57 -16.14 -7.97
C GLY A 105 3.06 -16.05 -8.10
N SER A 106 2.50 -14.83 -7.90
CA SER A 106 1.06 -14.57 -8.00
C SER A 106 0.52 -14.83 -9.40
N VAL A 107 -0.76 -15.19 -9.51
CA VAL A 107 -1.39 -15.54 -10.79
C VAL A 107 -2.28 -14.39 -11.30
N MET A 108 -3.15 -13.89 -10.41
CA MET A 108 -4.11 -12.85 -10.77
C MET A 108 -3.95 -11.61 -9.91
N ARG A 109 -4.32 -10.46 -10.48
CA ARG A 109 -4.28 -9.13 -9.88
C ARG A 109 -5.43 -8.32 -10.50
N ARG A 110 -6.45 -8.00 -9.67
CA ARG A 110 -7.68 -7.26 -10.03
C ARG A 110 -8.47 -7.95 -11.18
N GLY A 111 -8.66 -9.26 -11.04
CA GLY A 111 -9.39 -10.09 -12.01
C GLY A 111 -8.74 -10.18 -13.39
N LYS A 112 -7.45 -9.89 -13.45
CA LYS A 112 -6.65 -9.93 -14.69
C LYS A 112 -5.32 -10.63 -14.34
N PRO A 113 -4.62 -11.24 -15.33
CA PRO A 113 -3.34 -11.88 -15.01
C PRO A 113 -2.32 -10.85 -14.50
N CYS A 114 -1.45 -11.24 -13.55
CA CYS A 114 -0.35 -10.37 -13.10
C CYS A 114 0.47 -9.96 -14.35
N TRP A 115 1.06 -8.77 -14.33
CA TRP A 115 1.79 -8.22 -15.48
C TRP A 115 2.82 -9.19 -16.08
N TYR A 116 3.66 -9.82 -15.23
CA TYR A 116 4.70 -10.72 -15.71
C TYR A 116 4.13 -11.91 -16.51
N ARG A 117 2.86 -12.27 -16.26
CA ARG A 117 2.19 -13.41 -16.90
C ARG A 117 1.65 -13.12 -18.31
N PHE A 118 1.58 -11.83 -18.73
CA PHE A 118 1.17 -11.50 -20.12
C PHE A 118 2.15 -12.19 -21.10
N PRO A 119 1.67 -12.78 -22.24
CA PRO A 119 2.58 -13.57 -23.10
C PRO A 119 3.78 -12.81 -23.66
N GLY A 120 3.60 -11.52 -24.00
CA GLY A 120 4.65 -10.69 -24.57
C GLY A 120 5.47 -9.94 -23.54
N VAL A 121 5.27 -10.27 -22.26
CA VAL A 121 5.99 -9.58 -21.18
C VAL A 121 7.10 -10.48 -20.62
N THR A 122 6.76 -11.51 -19.81
CA THR A 122 7.70 -12.44 -19.14
C THR A 122 8.45 -11.75 -18.01
N THR A 123 8.99 -12.54 -17.08
CA THR A 123 9.74 -12.05 -15.91
C THR A 123 10.95 -11.18 -16.35
N GLN A 124 11.62 -11.58 -17.44
CA GLN A 124 12.75 -10.86 -18.00
C GLN A 124 12.39 -9.39 -18.20
N CYS A 125 11.24 -9.08 -18.79
CA CYS A 125 10.83 -7.69 -18.99
C CYS A 125 10.12 -7.11 -17.80
N ALA A 126 9.28 -7.90 -17.10
CA ALA A 126 8.47 -7.37 -16.00
C ALA A 126 9.26 -6.85 -14.82
N ILE A 127 10.41 -7.47 -14.46
CA ILE A 127 11.23 -6.94 -13.36
C ILE A 127 11.68 -5.53 -13.76
N ASN A 128 12.14 -5.37 -15.01
CA ASN A 128 12.59 -4.07 -15.47
C ASN A 128 11.43 -3.06 -15.61
N ASP A 129 10.23 -3.53 -16.02
CA ASP A 129 9.05 -2.66 -16.12
C ASP A 129 8.67 -2.07 -14.76
N GLY A 130 8.82 -2.88 -13.70
CA GLY A 130 8.57 -2.45 -12.33
C GLY A 130 9.60 -1.42 -11.88
N ILE A 131 10.85 -1.58 -12.31
CA ILE A 131 11.91 -0.61 -12.00
C ILE A 131 11.60 0.73 -12.70
N ILE A 132 11.12 0.68 -13.95
CA ILE A 132 10.77 1.90 -14.71
C ILE A 132 9.63 2.64 -14.01
N LEU A 133 8.56 1.90 -13.56
CA LEU A 133 7.43 2.52 -12.86
C LEU A 133 7.91 3.37 -11.70
N LYS A 134 8.87 2.87 -10.91
CA LYS A 134 9.41 3.68 -9.82
C LYS A 134 10.25 4.85 -10.34
N SER A 135 11.06 4.66 -11.40
CA SER A 135 11.85 5.76 -11.98
C SER A 135 10.93 6.92 -12.43
N TRP A 136 9.79 6.56 -13.05
CA TRP A 136 8.80 7.53 -13.52
C TRP A 136 8.30 8.43 -12.38
N THR A 137 8.18 7.92 -11.10
CA THR A 137 7.73 8.77 -9.97
C THR A 137 8.73 9.90 -9.75
N GLN A 138 10.04 9.62 -9.93
CA GLN A 138 11.09 10.64 -9.77
C GLN A 138 11.10 11.62 -10.94
N ILE A 139 10.88 11.14 -12.17
CA ILE A 139 10.84 12.01 -13.35
C ILE A 139 9.71 13.02 -13.19
N MET A 140 8.53 12.55 -12.71
CA MET A 140 7.36 13.41 -12.45
C MET A 140 7.73 14.52 -11.46
N ALA A 141 8.34 14.14 -10.33
CA ALA A 141 8.71 15.09 -9.26
C ALA A 141 9.67 16.15 -9.74
N TRP A 142 10.77 15.74 -10.40
CA TRP A 142 11.79 16.68 -10.89
C TRP A 142 11.27 17.57 -12.01
N HIS A 143 10.32 17.09 -12.82
CA HIS A 143 9.76 17.91 -13.88
C HIS A 143 8.66 18.86 -13.34
N TYR A 144 7.61 18.29 -12.73
CA TYR A 144 6.49 19.11 -12.30
C TYR A 144 6.77 20.00 -11.10
N PHE A 145 7.68 19.58 -10.20
CA PHE A 145 7.98 20.32 -8.96
C PHE A 145 9.37 20.97 -8.94
N ALA A 146 10.01 21.08 -10.11
CA ALA A 146 11.35 21.66 -10.33
C ALA A 146 11.63 22.92 -9.47
N ASP A 147 10.68 23.87 -9.46
CA ASP A 147 10.84 25.14 -8.73
C ASP A 147 9.91 25.28 -7.48
N ARG A 148 9.43 24.16 -6.92
CA ARG A 148 8.54 24.25 -5.78
C ARG A 148 9.32 24.24 -4.49
N PRO A 149 8.97 25.07 -3.47
CA PRO A 149 9.72 25.04 -2.21
C PRO A 149 9.66 23.71 -1.46
N PHE A 150 8.64 22.88 -1.73
CA PHE A 150 8.44 21.59 -1.06
C PHE A 150 9.19 20.42 -1.72
N LEU A 151 9.89 20.65 -2.86
CA LEU A 151 10.57 19.62 -3.64
C LEU A 151 11.53 18.78 -2.80
N LYS A 152 12.46 19.43 -2.06
CA LYS A 152 13.40 18.67 -1.21
C LYS A 152 12.68 17.78 -0.16
N ASP A 153 11.69 18.32 0.58
CA ASP A 153 10.93 17.55 1.59
C ASP A 153 10.13 16.43 0.96
N LEU A 154 9.54 16.67 -0.21
CA LEU A 154 8.77 15.66 -0.90
C LEU A 154 9.67 14.50 -1.35
N LEU A 155 10.84 14.80 -1.95
CA LEU A 155 11.77 13.73 -2.38
C LEU A 155 12.31 12.95 -1.17
N CYS A 156 12.61 13.68 -0.10
CA CYS A 156 13.13 13.07 1.12
C CYS A 156 12.08 12.12 1.77
N LEU A 157 10.81 12.55 1.86
CA LEU A 157 9.71 11.74 2.38
C LEU A 157 9.44 10.49 1.50
N PHE A 158 9.41 10.69 0.17
CA PHE A 158 9.12 9.62 -0.79
C PHE A 158 10.15 8.52 -0.68
N GLN A 159 11.44 8.90 -0.53
CA GLN A 159 12.60 8.03 -0.36
C GLN A 159 12.46 7.18 0.92
N LYS A 160 12.19 7.82 2.08
CA LYS A 160 12.01 7.10 3.36
C LYS A 160 10.84 6.11 3.30
N VAL A 161 9.71 6.51 2.68
CA VAL A 161 8.53 5.67 2.56
C VAL A 161 8.85 4.44 1.69
N ASP A 162 9.51 4.69 0.57
CA ASP A 162 9.90 3.64 -0.35
C ASP A 162 10.84 2.65 0.34
N TYR A 163 11.88 3.14 1.02
CA TYR A 163 12.80 2.28 1.76
C TYR A 163 12.05 1.48 2.89
N ALA A 164 11.12 2.14 3.63
CA ALA A 164 10.34 1.48 4.69
C ALA A 164 9.51 0.33 4.08
N THR A 165 8.99 0.54 2.84
CA THR A 165 8.21 -0.46 2.13
C THR A 165 9.05 -1.68 1.72
N ALA A 166 10.27 -1.44 1.21
CA ALA A 166 11.23 -2.48 0.82
C ALA A 166 11.56 -3.29 2.06
N VAL A 167 11.78 -2.62 3.21
CA VAL A 167 12.05 -3.26 4.52
C VAL A 167 10.84 -4.14 4.95
N GLY A 168 9.63 -3.61 4.77
CA GLY A 168 8.39 -4.33 5.06
C GLY A 168 8.23 -5.59 4.23
N GLN A 169 8.58 -5.52 2.94
CA GLN A 169 8.51 -6.69 2.06
C GLN A 169 9.47 -7.78 2.55
N MET A 170 10.65 -7.38 3.05
CA MET A 170 11.60 -8.32 3.64
C MET A 170 11.02 -9.00 4.91
N TYR A 171 10.37 -8.21 5.80
CA TYR A 171 9.74 -8.75 7.01
C TYR A 171 8.63 -9.72 6.63
N ASP A 172 7.89 -9.38 5.56
CA ASP A 172 6.76 -10.18 5.11
C ASP A 172 7.17 -11.52 4.50
N VAL A 173 8.14 -11.53 3.58
CA VAL A 173 8.54 -12.75 2.90
C VAL A 173 9.34 -13.67 3.78
N THR A 174 9.96 -13.17 4.87
CA THR A 174 10.73 -14.00 5.83
C THR A 174 9.90 -14.27 7.12
N SER A 175 8.58 -13.96 7.15
CA SER A 175 7.78 -14.10 8.39
C SER A 175 7.45 -15.54 8.83
N MET A 176 7.54 -16.51 7.92
CA MET A 176 7.32 -17.95 8.20
C MET A 176 8.61 -18.68 8.60
N CYS A 177 9.72 -17.95 8.73
CA CYS A 177 10.98 -18.57 9.06
C CYS A 177 11.44 -18.19 10.46
N ASP A 178 12.27 -19.02 11.11
CA ASP A 178 12.81 -18.70 12.44
C ASP A 178 13.95 -17.70 12.23
N SER A 179 13.86 -16.52 12.87
CA SER A 179 14.86 -15.45 12.72
C SER A 179 16.30 -15.94 12.86
N ASN A 180 16.59 -16.71 13.92
CA ASN A 180 17.89 -17.28 14.25
C ASN A 180 18.45 -18.23 13.17
N LYS A 181 17.59 -18.70 12.25
CA LYS A 181 18.01 -19.58 11.17
C LYS A 181 18.24 -18.84 9.84
N LEU A 182 17.91 -17.53 9.76
CA LEU A 182 18.11 -16.73 8.54
C LEU A 182 19.57 -16.78 8.17
N ASP A 183 19.87 -17.19 6.94
CA ASP A 183 21.23 -17.41 6.46
C ASP A 183 21.19 -17.53 4.95
N PRO A 184 21.91 -16.65 4.22
CA PRO A 184 21.93 -16.75 2.75
C PRO A 184 22.51 -18.06 2.22
N GLU A 185 23.35 -18.72 3.02
CA GLU A 185 24.01 -19.96 2.62
C GLU A 185 23.15 -21.21 2.79
N VAL A 186 22.07 -21.15 3.57
CA VAL A 186 21.26 -22.34 3.90
C VAL A 186 19.77 -22.17 3.53
N ALA A 187 19.21 -23.10 2.72
CA ALA A 187 17.80 -23.10 2.32
C ALA A 187 16.92 -22.97 3.57
N GLN A 188 15.99 -22.02 3.52
CA GLN A 188 15.18 -21.62 4.68
C GLN A 188 14.00 -22.54 5.00
N PRO A 189 14.05 -23.24 6.16
CA PRO A 189 12.90 -24.09 6.51
C PRO A 189 11.78 -23.26 7.11
N MET A 190 10.54 -23.71 6.95
CA MET A 190 9.39 -23.06 7.57
C MET A 190 9.47 -23.31 9.10
N THR A 191 9.01 -22.34 9.93
CA THR A 191 8.99 -22.49 11.39
C THR A 191 8.16 -23.70 11.80
N THR A 192 8.54 -24.35 12.91
CA THR A 192 7.79 -25.48 13.47
C THR A 192 7.08 -25.05 14.75
N ASP A 193 7.69 -24.15 15.55
CA ASP A 193 7.09 -23.66 16.80
C ASP A 193 6.14 -22.47 16.61
N PHE A 194 6.23 -21.73 15.49
CA PHE A 194 5.40 -20.53 15.23
C PHE A 194 5.53 -19.50 16.38
N ALA A 195 6.66 -19.54 17.13
CA ALA A 195 6.95 -18.62 18.24
C ALA A 195 6.96 -17.13 17.78
N GLU A 196 7.23 -16.89 16.51
CA GLU A 196 7.27 -15.54 15.98
C GLU A 196 5.94 -15.06 15.39
N PHE A 197 4.86 -15.84 15.59
CA PHE A 197 3.54 -15.43 15.12
C PHE A 197 2.85 -14.72 16.30
N THR A 198 3.36 -13.53 16.65
CA THR A 198 2.86 -12.76 17.80
C THR A 198 2.25 -11.41 17.35
N PRO A 199 1.39 -10.76 18.18
CA PRO A 199 0.85 -9.45 17.79
C PRO A 199 1.92 -8.38 17.44
N ALA A 200 3.02 -8.28 18.21
CA ALA A 200 4.08 -7.29 17.98
C ALA A 200 4.87 -7.55 16.70
N ILE A 201 5.15 -8.82 16.38
CA ILE A 201 5.87 -9.14 15.15
C ILE A 201 4.95 -8.88 13.93
N TYR A 202 3.66 -9.30 14.02
CA TYR A 202 2.67 -9.04 12.97
C TYR A 202 2.52 -7.52 12.75
N LYS A 203 2.48 -6.73 13.86
CA LYS A 203 2.38 -5.27 13.77
C LYS A 203 3.58 -4.66 13.04
N ARG A 204 4.79 -5.17 13.30
CA ARG A 204 6.00 -4.69 12.61
C ARG A 204 5.89 -4.96 11.09
N ILE A 205 5.45 -6.18 10.67
CA ILE A 205 5.30 -6.52 9.23
C ILE A 205 4.39 -5.50 8.56
N VAL A 206 3.16 -5.35 9.08
CA VAL A 206 2.12 -4.48 8.54
C VAL A 206 2.54 -3.02 8.49
N LYS A 207 3.13 -2.51 9.58
CA LYS A 207 3.58 -1.14 9.68
C LYS A 207 4.48 -0.78 8.50
N TYR A 208 5.50 -1.62 8.25
CA TYR A 208 6.45 -1.31 7.18
C TYR A 208 5.99 -1.71 5.80
N LYS A 209 5.26 -2.82 5.64
CA LYS A 209 4.90 -3.25 4.30
C LYS A 209 3.80 -2.40 3.61
N THR A 210 2.82 -1.80 4.34
CA THR A 210 1.72 -1.06 3.70
C THR A 210 1.47 0.36 4.21
N THR A 211 1.48 0.56 5.53
CA THR A 211 1.00 1.79 6.15
C THR A 211 1.79 3.05 5.72
N PHE A 212 3.12 2.94 5.50
CA PHE A 212 3.90 4.08 5.06
C PHE A 212 3.43 4.60 3.73
N TYR A 213 3.25 3.70 2.74
CA TYR A 213 2.88 4.16 1.39
C TYR A 213 1.36 4.32 1.17
N THR A 214 0.52 3.57 1.92
CA THR A 214 -0.94 3.62 1.72
C THR A 214 -1.55 4.79 2.47
N TYR A 215 -1.02 5.11 3.68
CA TYR A 215 -1.64 6.14 4.48
C TYR A 215 -0.75 7.32 4.84
N LEU A 216 0.48 7.08 5.31
CA LEU A 216 1.31 8.21 5.68
C LEU A 216 1.68 9.09 4.47
N LEU A 217 2.20 8.50 3.39
CA LEU A 217 2.62 9.20 2.18
C LEU A 217 1.49 10.06 1.60
N PRO A 218 0.26 9.53 1.33
CA PRO A 218 -0.80 10.39 0.80
C PRO A 218 -1.15 11.59 1.69
N LEU A 219 -1.23 11.38 3.01
CA LEU A 219 -1.58 12.46 3.95
C LEU A 219 -0.49 13.52 4.00
N VAL A 220 0.77 13.10 4.19
CA VAL A 220 1.88 14.05 4.25
C VAL A 220 2.13 14.74 2.89
N MET A 221 1.89 14.04 1.76
CA MET A 221 2.02 14.69 0.44
C MET A 221 0.94 15.78 0.25
N GLY A 222 -0.28 15.51 0.72
CA GLY A 222 -1.37 16.47 0.69
C GLY A 222 -0.99 17.74 1.45
N LEU A 223 -0.34 17.57 2.62
CA LEU A 223 0.17 18.69 3.44
C LEU A 223 1.28 19.47 2.74
N LEU A 224 2.24 18.76 2.11
CA LEU A 224 3.40 19.34 1.42
C LEU A 224 3.03 20.21 0.24
N VAL A 225 2.16 19.70 -0.66
CA VAL A 225 1.69 20.46 -1.83
C VAL A 225 0.83 21.67 -1.42
N SER A 226 0.27 21.63 -0.19
CA SER A 226 -0.54 22.71 0.38
C SER A 226 0.28 23.69 1.21
N GLU A 227 1.62 23.45 1.39
CA GLU A 227 2.50 24.29 2.25
C GLU A 227 1.84 24.41 3.66
N ALA A 228 1.31 23.29 4.17
CA ALA A 228 0.54 23.21 5.41
C ALA A 228 1.14 22.30 6.48
N ALA A 229 2.39 21.87 6.32
CA ALA A 229 3.01 20.96 7.29
C ALA A 229 3.07 21.51 8.73
N ALA A 230 2.96 22.84 8.92
CA ALA A 230 2.93 23.49 10.26
C ALA A 230 1.57 23.31 10.94
N SER A 231 0.47 23.18 10.15
CA SER A 231 -0.88 23.00 10.68
C SER A 231 -1.08 21.66 11.43
N VAL A 232 -0.03 20.80 11.46
CA VAL A 232 -0.10 19.47 12.08
C VAL A 232 1.07 19.16 12.97
N GLU A 233 0.84 18.24 13.91
CA GLU A 233 1.82 17.62 14.78
C GLU A 233 2.15 16.30 14.05
N MET A 234 3.34 16.24 13.42
CA MET A 234 3.78 15.08 12.64
C MET A 234 3.77 13.76 13.43
N ASN A 235 3.99 13.81 14.77
CA ASN A 235 3.93 12.58 15.57
C ASN A 235 2.49 11.98 15.58
N LEU A 236 1.46 12.84 15.50
CA LEU A 236 0.06 12.42 15.47
C LEU A 236 -0.30 11.82 14.11
N VAL A 237 0.14 12.47 13.01
CA VAL A 237 -0.09 12.03 11.63
C VAL A 237 0.46 10.62 11.47
N GLU A 238 1.70 10.39 11.97
CA GLU A 238 2.34 9.09 11.91
C GLU A 238 1.56 8.06 12.72
N ARG A 239 1.14 8.43 13.93
CA ARG A 239 0.39 7.53 14.79
C ARG A 239 -0.94 7.10 14.17
N VAL A 240 -1.72 8.06 13.63
CA VAL A 240 -3.02 7.76 13.03
C VAL A 240 -2.86 6.95 11.71
N ALA A 241 -1.83 7.24 10.89
CA ALA A 241 -1.58 6.52 9.64
C ALA A 241 -1.25 5.06 9.90
N HIS A 242 -0.38 4.79 10.90
CA HIS A 242 0.00 3.41 11.23
C HIS A 242 -1.17 2.62 11.79
N LEU A 243 -2.00 3.28 12.59
CA LEU A 243 -3.19 2.70 13.19
C LEU A 243 -4.25 2.36 12.12
N ILE A 244 -4.64 3.35 11.26
CA ILE A 244 -5.61 3.08 10.19
C ILE A 244 -5.03 2.03 9.23
N GLY A 245 -3.72 2.14 8.93
CA GLY A 245 -2.98 1.23 8.07
C GLY A 245 -3.05 -0.21 8.55
N GLU A 246 -2.85 -0.43 9.86
CA GLU A 246 -2.91 -1.75 10.49
C GLU A 246 -4.30 -2.37 10.32
N TYR A 247 -5.35 -1.58 10.61
CA TYR A 247 -6.75 -2.01 10.44
C TYR A 247 -7.05 -2.42 9.00
N PHE A 248 -6.52 -1.65 8.03
CA PHE A 248 -6.71 -1.93 6.60
C PHE A 248 -6.14 -3.32 6.25
N GLN A 249 -4.91 -3.63 6.71
CA GLN A 249 -4.25 -4.91 6.45
C GLN A 249 -4.98 -6.09 7.10
N VAL A 250 -5.50 -5.88 8.32
CA VAL A 250 -6.28 -6.89 9.06
C VAL A 250 -7.52 -7.28 8.23
N GLN A 251 -8.23 -6.28 7.62
CA GLN A 251 -9.36 -6.51 6.70
C GLN A 251 -8.90 -7.34 5.46
N ASP A 252 -7.76 -6.96 4.82
CA ASP A 252 -7.20 -7.69 3.66
C ASP A 252 -6.79 -9.14 4.01
N ASP A 253 -6.26 -9.36 5.24
CA ASP A 253 -5.88 -10.69 5.72
C ASP A 253 -7.13 -11.55 5.91
N VAL A 254 -8.22 -10.97 6.43
CA VAL A 254 -9.48 -11.69 6.63
C VAL A 254 -10.07 -12.07 5.27
N MET A 255 -10.11 -11.10 4.33
CA MET A 255 -10.62 -11.27 2.96
C MET A 255 -9.84 -12.32 2.15
N ASP A 256 -8.50 -12.36 2.26
CA ASP A 256 -7.65 -13.35 1.58
C ASP A 256 -8.12 -14.81 1.80
N CYS A 257 -8.58 -15.11 3.02
CA CYS A 257 -9.05 -16.43 3.46
C CYS A 257 -10.53 -16.68 3.18
N PHE A 258 -11.40 -15.68 3.45
CA PHE A 258 -12.87 -15.88 3.37
C PHE A 258 -13.60 -15.23 2.18
N THR A 259 -13.04 -14.18 1.53
CA THR A 259 -13.70 -13.54 0.39
C THR A 259 -13.59 -14.43 -0.86
N PRO A 260 -14.73 -14.80 -1.49
CA PRO A 260 -14.67 -15.69 -2.67
C PRO A 260 -13.77 -15.18 -3.79
N PRO A 261 -13.04 -16.07 -4.51
CA PRO A 261 -12.11 -15.60 -5.56
C PRO A 261 -12.65 -14.54 -6.52
N GLU A 262 -13.91 -14.70 -6.99
CA GLU A 262 -14.59 -13.76 -7.89
C GLU A 262 -14.68 -12.33 -7.33
N GLN A 263 -15.03 -12.19 -6.03
CA GLN A 263 -15.15 -10.90 -5.35
C GLN A 263 -13.80 -10.34 -4.95
N GLY A 268 -6.84 -16.41 -2.72
CA GLY A 268 -5.88 -16.12 -1.67
C GLY A 268 -5.02 -17.32 -1.34
N THR A 269 -3.71 -17.10 -1.04
CA THR A 269 -2.78 -18.19 -0.73
C THR A 269 -1.96 -17.98 0.58
N ASP A 270 -2.42 -17.07 1.49
CA ASP A 270 -1.76 -16.81 2.79
C ASP A 270 -1.52 -18.08 3.66
N ILE A 271 -2.48 -19.05 3.64
CA ILE A 271 -2.38 -20.31 4.36
C ILE A 271 -1.26 -21.19 3.76
N GLU A 272 -1.26 -21.38 2.41
CA GLU A 272 -0.29 -22.16 1.65
C GLU A 272 1.12 -21.54 1.74
N ASP A 273 1.19 -20.20 1.69
CA ASP A 273 2.45 -19.47 1.79
C ASP A 273 2.95 -19.34 3.23
N ALA A 274 2.18 -19.93 4.20
CA ALA A 274 2.43 -19.89 5.65
C ALA A 274 2.67 -18.45 6.15
N LYS A 275 1.92 -17.49 5.61
CA LYS A 275 2.08 -16.09 5.99
C LYS A 275 1.72 -15.80 7.45
N CYS A 276 2.38 -14.81 8.04
CA CYS A 276 2.07 -14.39 9.38
C CYS A 276 0.92 -13.42 9.21
N SER A 277 -0.30 -13.96 9.09
CA SER A 277 -1.52 -13.19 8.90
C SER A 277 -2.17 -12.88 10.25
N TRP A 278 -3.12 -11.93 10.27
CA TRP A 278 -3.85 -11.62 11.49
C TRP A 278 -4.64 -12.86 11.97
N LEU A 279 -5.15 -13.68 11.04
CA LEU A 279 -5.93 -14.88 11.37
C LEU A 279 -5.12 -15.93 12.11
N ALA A 280 -3.90 -16.23 11.63
CA ALA A 280 -2.97 -17.19 12.25
C ALA A 280 -2.52 -16.69 13.64
N VAL A 281 -2.14 -15.38 13.75
CA VAL A 281 -1.70 -14.77 15.01
C VAL A 281 -2.82 -14.86 16.06
N THR A 282 -4.02 -14.37 15.71
CA THR A 282 -5.21 -14.36 16.57
C THR A 282 -5.60 -15.78 16.97
N PHE A 283 -5.60 -16.73 16.02
CA PHE A 283 -5.91 -18.13 16.29
C PHE A 283 -4.96 -18.69 17.35
N LEU A 284 -3.65 -18.47 17.18
CA LEU A 284 -2.65 -18.99 18.13
C LEU A 284 -2.76 -18.37 19.52
N GLY A 285 -3.19 -17.11 19.57
CA GLY A 285 -3.41 -16.39 20.82
C GLY A 285 -4.57 -16.90 21.67
N LYS A 286 -5.44 -17.77 21.13
CA LYS A 286 -6.59 -18.26 21.90
C LYS A 286 -6.78 -19.78 21.90
N ALA A 287 -6.17 -20.48 20.95
CA ALA A 287 -6.26 -21.92 20.79
C ALA A 287 -5.72 -22.73 21.95
N ASN A 288 -6.33 -23.91 22.19
CA ASN A 288 -5.87 -24.82 23.24
C ASN A 288 -4.74 -25.67 22.63
N ALA A 289 -4.09 -26.53 23.44
CA ALA A 289 -2.99 -27.40 23.02
C ALA A 289 -3.27 -28.25 21.76
N ALA A 290 -4.44 -28.92 21.68
CA ALA A 290 -4.82 -29.76 20.52
C ALA A 290 -5.10 -28.97 19.23
N GLN A 291 -5.64 -27.74 19.36
CA GLN A 291 -5.90 -26.86 18.22
C GLN A 291 -4.57 -26.37 17.61
N VAL A 292 -3.56 -26.09 18.47
CA VAL A 292 -2.21 -25.62 18.09
C VAL A 292 -1.48 -26.74 17.34
N ALA A 293 -1.56 -27.99 17.85
CA ALA A 293 -0.95 -29.17 17.21
C ALA A 293 -1.54 -29.41 15.80
N GLU A 294 -2.87 -29.27 15.66
CA GLU A 294 -3.59 -29.44 14.40
C GLU A 294 -3.25 -28.32 13.43
N PHE A 295 -3.05 -27.09 13.95
CA PHE A 295 -2.64 -25.95 13.12
C PHE A 295 -1.25 -26.22 12.52
N LYS A 296 -0.28 -26.63 13.38
CA LYS A 296 1.11 -26.92 13.01
C LYS A 296 1.19 -28.04 11.97
N ALA A 297 0.33 -29.06 12.12
CA ALA A 297 0.28 -30.20 11.21
C ALA A 297 -0.24 -29.83 9.81
N ASN A 298 -1.02 -28.73 9.68
CA ASN A 298 -1.65 -28.37 8.40
C ASN A 298 -1.19 -27.05 7.72
N TYR A 299 -0.75 -26.04 8.49
CA TYR A 299 -0.36 -24.74 7.93
C TYR A 299 0.85 -24.77 6.99
N GLY A 300 0.84 -23.91 5.98
CA GLY A 300 1.93 -23.75 5.02
C GLY A 300 2.08 -24.86 4.00
N GLU A 301 1.00 -25.63 3.77
CA GLU A 301 0.94 -26.74 2.81
C GLU A 301 -0.02 -26.42 1.66
N LYS A 302 0.43 -26.67 0.42
CA LYS A 302 -0.35 -26.42 -0.79
C LYS A 302 -1.55 -27.36 -0.93
N ASP A 303 -1.50 -28.55 -0.27
CA ASP A 303 -2.56 -29.55 -0.29
C ASP A 303 -3.93 -28.99 0.15
N PRO A 304 -4.93 -28.96 -0.79
CA PRO A 304 -6.26 -28.41 -0.45
C PRO A 304 -6.95 -29.00 0.77
N ALA A 305 -6.70 -30.29 1.07
CA ALA A 305 -7.27 -30.98 2.24
C ALA A 305 -6.76 -30.30 3.53
N LYS A 306 -5.45 -29.97 3.56
CA LYS A 306 -4.80 -29.28 4.69
C LYS A 306 -5.24 -27.82 4.82
N VAL A 307 -5.49 -27.12 3.69
CA VAL A 307 -5.96 -25.72 3.71
C VAL A 307 -7.38 -25.69 4.32
N ALA A 308 -8.20 -26.72 4.00
CA ALA A 308 -9.56 -26.87 4.51
C ALA A 308 -9.59 -27.03 6.02
N VAL A 309 -8.60 -27.77 6.60
CA VAL A 309 -8.45 -27.98 8.05
C VAL A 309 -8.16 -26.63 8.74
N VAL A 310 -7.21 -25.84 8.19
CA VAL A 310 -6.83 -24.52 8.73
C VAL A 310 -8.05 -23.57 8.73
N LYS A 311 -8.81 -23.51 7.60
CA LYS A 311 -10.01 -22.67 7.48
C LYS A 311 -11.09 -23.08 8.48
N ARG A 312 -11.26 -24.39 8.67
CA ARG A 312 -12.21 -24.96 9.62
C ARG A 312 -11.81 -24.58 11.05
N LEU A 313 -10.48 -24.56 11.35
CA LEU A 313 -9.98 -24.19 12.67
C LEU A 313 -10.30 -22.74 12.95
N TYR A 314 -10.12 -21.86 11.93
CA TYR A 314 -10.41 -20.43 12.00
C TYR A 314 -11.90 -20.16 12.19
N SER A 315 -12.75 -20.96 11.52
CA SER A 315 -14.22 -20.85 11.57
C SER A 315 -14.77 -21.26 12.92
N LYS A 316 -14.26 -22.36 13.49
CA LYS A 316 -14.72 -22.85 14.80
C LYS A 316 -14.08 -22.08 15.95
N ALA A 317 -12.98 -21.32 15.70
CA ALA A 317 -12.28 -20.52 16.70
C ALA A 317 -12.98 -19.20 17.02
N ASN A 318 -14.01 -18.82 16.22
CA ASN A 318 -14.82 -17.60 16.36
C ASN A 318 -13.95 -16.32 16.37
N LEU A 319 -13.15 -16.17 15.30
CA LEU A 319 -12.23 -15.06 15.10
C LEU A 319 -12.94 -13.74 14.81
N GLN A 320 -14.25 -13.80 14.44
CA GLN A 320 -15.12 -12.64 14.19
C GLN A 320 -15.30 -11.86 15.51
N ALA A 321 -15.29 -12.58 16.67
CA ALA A 321 -15.41 -11.95 17.99
C ALA A 321 -14.15 -11.12 18.30
N ASP A 322 -12.97 -11.69 17.99
CA ASP A 322 -11.68 -11.03 18.17
C ASP A 322 -11.58 -9.86 17.19
N PHE A 323 -12.04 -10.05 15.92
CA PHE A 323 -12.05 -8.98 14.93
C PHE A 323 -12.93 -7.81 15.37
N ALA A 324 -14.15 -8.10 15.89
CA ALA A 324 -15.08 -7.05 16.35
C ALA A 324 -14.53 -6.30 17.55
N ALA A 325 -13.76 -7.00 18.43
CA ALA A 325 -13.11 -6.39 19.60
C ALA A 325 -11.91 -5.54 19.13
N TYR A 326 -11.15 -6.02 18.12
CA TYR A 326 -10.03 -5.26 17.56
C TYR A 326 -10.59 -3.99 16.89
N GLU A 327 -11.69 -4.15 16.12
CA GLU A 327 -12.35 -3.05 15.42
C GLU A 327 -12.82 -1.99 16.40
N ALA A 328 -13.45 -2.38 17.54
CA ALA A 328 -13.92 -1.47 18.59
C ALA A 328 -12.76 -0.65 19.19
N GLU A 329 -11.62 -1.30 19.47
CA GLU A 329 -10.42 -0.65 19.98
C GLU A 329 -9.83 0.38 18.97
N VAL A 330 -9.76 0.02 17.67
CA VAL A 330 -9.27 0.89 16.61
C VAL A 330 -10.21 2.10 16.45
N VAL A 331 -11.56 1.87 16.46
CA VAL A 331 -12.56 2.97 16.37
C VAL A 331 -12.28 4.00 17.49
N ARG A 332 -12.10 3.50 18.71
CA ARG A 332 -11.76 4.24 19.92
C ARG A 332 -10.46 5.08 19.72
N GLU A 333 -9.36 4.43 19.33
CA GLU A 333 -8.07 5.11 19.14
C GLU A 333 -8.05 6.10 17.99
N VAL A 334 -8.74 5.78 16.86
CA VAL A 334 -8.82 6.66 15.68
C VAL A 334 -9.58 7.95 16.04
N GLU A 335 -10.74 7.82 16.73
CA GLU A 335 -11.57 8.94 17.19
C GLU A 335 -10.74 9.87 18.10
N SER A 336 -9.94 9.28 19.00
CA SER A 336 -9.04 9.99 19.92
C SER A 336 -7.98 10.80 19.17
N LEU A 337 -7.27 10.17 18.21
CA LEU A 337 -6.24 10.85 17.39
C LEU A 337 -6.83 11.97 16.52
N ILE A 338 -8.03 11.77 15.96
CA ILE A 338 -8.74 12.76 15.16
C ILE A 338 -9.02 13.99 16.02
N GLU A 339 -9.45 13.78 17.30
CA GLU A 339 -9.69 14.85 18.27
C GLU A 339 -8.41 15.61 18.54
N GLN A 340 -7.28 14.89 18.84
CA GLN A 340 -5.96 15.51 19.05
C GLN A 340 -5.53 16.35 17.81
N LEU A 341 -5.85 15.88 16.56
CA LEU A 341 -5.51 16.62 15.31
C LEU A 341 -6.38 17.88 15.15
N LYS A 342 -7.64 17.86 15.65
CA LYS A 342 -8.60 19.00 15.54
C LYS A 342 -8.10 20.31 16.16
N VAL A 343 -7.19 20.22 17.16
CA VAL A 343 -6.61 21.35 17.90
C VAL A 343 -5.85 22.29 16.97
N LYS A 344 -4.90 21.74 16.20
CA LYS A 344 -4.07 22.49 15.26
C LYS A 344 -4.71 22.68 13.89
N SER A 345 -5.51 21.70 13.41
CA SER A 345 -6.15 21.79 12.09
C SER A 345 -7.47 21.02 11.98
N PRO A 346 -8.61 21.75 12.06
CA PRO A 346 -9.91 21.08 11.89
C PRO A 346 -10.09 20.53 10.49
N THR A 347 -9.44 21.18 9.50
CA THR A 347 -9.45 20.80 8.09
C THR A 347 -8.74 19.46 7.90
N PHE A 348 -7.49 19.37 8.40
CA PHE A 348 -6.73 18.13 8.29
C PHE A 348 -7.41 17.01 9.03
N ALA A 349 -7.93 17.28 10.25
CA ALA A 349 -8.66 16.27 11.03
C ALA A 349 -9.86 15.72 10.24
N GLU A 350 -10.57 16.60 9.52
CA GLU A 350 -11.69 16.18 8.66
C GLU A 350 -11.22 15.28 7.52
N SER A 351 -10.03 15.57 6.94
CA SER A 351 -9.45 14.73 5.87
C SER A 351 -9.13 13.34 6.41
N VAL A 352 -8.57 13.26 7.65
CA VAL A 352 -8.27 11.99 8.32
C VAL A 352 -9.56 11.24 8.65
N ALA A 353 -10.63 11.97 9.06
CA ALA A 353 -11.94 11.36 9.35
C ALA A 353 -12.49 10.67 8.09
N VAL A 354 -12.35 11.32 6.91
CA VAL A 354 -12.80 10.79 5.60
C VAL A 354 -11.99 9.53 5.23
N VAL A 355 -10.68 9.57 5.44
CA VAL A 355 -9.78 8.42 5.20
C VAL A 355 -10.24 7.22 6.05
N TRP A 356 -10.56 7.49 7.32
CA TRP A 356 -11.05 6.48 8.24
C TRP A 356 -12.38 5.89 7.78
N GLU A 357 -13.35 6.75 7.39
CA GLU A 357 -14.67 6.32 6.92
C GLU A 357 -14.56 5.40 5.69
N LYS A 358 -13.66 5.74 4.74
CA LYS A 358 -13.40 4.97 3.52
C LYS A 358 -12.72 3.64 3.82
N THR A 359 -11.95 3.59 4.92
CA THR A 359 -11.28 2.37 5.36
C THR A 359 -12.24 1.44 6.11
N HIS A 360 -12.96 1.99 7.11
CA HIS A 360 -13.92 1.33 8.00
C HIS A 360 -15.12 0.71 7.25
N LYS A 361 -15.54 1.30 6.12
CA LYS A 361 -16.64 0.81 5.28
C LYS A 361 -16.20 -0.41 4.45
C1 LEQ B . -9.25 -2.51 -2.93
C3 LEQ B . -8.67 -0.57 -1.57
C12 LEQ B . -6.53 6.30 1.72
C13 LEQ B . -5.94 5.14 1.46
C14 LEQ B . -6.88 4.03 1.58
C15 LEQ B . -6.55 2.58 1.37
C16 LEQ B . -10.35 0.99 -0.72
C17 LEQ B . -11.32 0.24 -1.27
C18 LEQ B . -10.96 -0.98 -2.04
N2 LEQ B . -9.65 -1.31 -2.16
C4 LEQ B . -8.94 0.55 -0.87
C5 LEQ B . -7.82 1.31 -0.27
O6 LEQ B . -6.82 1.33 -0.97
N7 LEQ B . -7.78 1.88 0.98
C8 LEQ B . -8.92 1.98 1.90
C9 LEQ B . -9.30 3.48 2.09
C10 LEQ B . -8.12 4.43 1.90
S11 LEQ B . -8.22 6.16 2.07
O19 LEQ B . -11.88 -1.62 -2.53
S SO4 C . -6.70 -0.08 -4.91
O1 SO4 C . -7.16 1.31 -4.72
O2 SO4 C . -5.58 -0.17 -5.85
O3 SO4 C . -6.24 -0.62 -3.61
O4 SO4 C . -7.83 -0.89 -5.40
S SO4 D . 12.51 18.25 -18.15
O1 SO4 D . 13.77 18.95 -17.89
O2 SO4 D . 12.69 17.28 -19.24
O3 SO4 D . 11.51 19.23 -18.55
O4 SO4 D . 12.10 17.56 -16.93
#